data_6F5S
#
_entry.id   6F5S
#
_cell.length_a   72.254
_cell.length_b   72.254
_cell.length_c   152.263
_cell.angle_alpha   90.000
_cell.angle_beta   90.000
_cell.angle_gamma   90.000
#
_symmetry.space_group_name_H-M   'P 43 21 2'
#
loop_
_entity.id
_entity.type
_entity.pdbx_description
1 polymer 'Lysine-specific demethylase 4D'
2 non-polymer 'ZINC ION'
3 non-polymer 'CHLORIDE ION'
4 non-polymer 1,2-ETHANEDIOL
5 non-polymer 'SULFATE ION'
6 non-polymer 'NICKEL (II) ION'
7 non-polymer ~{N}-(3-morpholin-4-ylpropyl)-4-(2~{H}-1,2,3,4-tetrazol-5-yl)pyridine-2-carboxamide
8 water water
#
_entity_poly.entity_id   1
_entity_poly.type   'polypeptide(L)'
_entity_poly.pdbx_seq_one_letter_code
;METMKSKANCAQNPNCNIMIFHPTKEEFNDFDKYIAYMESQGAHRAGLAKIIPPKEWKARETYDNISEILIATPLQQVAS
GRAGVFTQYHKKKKAMTVGEYRHLANSKKYQTPPHQNFEDLERKYWKNRIYNSPIYGADISGSLFDENTKQWNLGHLGTI
QDLLEKECGVVIEGVNTPYLYFGMWKTTFAWHTEDMDLYSINYLHLGEPKTWYVVPPEHGQRLERLARELFPGSSRGCGA
FLRHKVALISPTVLKENGIPFNRITQEAGEFMVTFPYGYHAGFNHGFNCAEAINFATPRWIDYGKMASQCSCGEARVTFS
MDAFVRILQPERYDLWKRGQDR
;
_entity_poly.pdbx_strand_id   A
#
loop_
_chem_comp.id
_chem_comp.type
_chem_comp.name
_chem_comp.formula
CL non-polymer 'CHLORIDE ION' 'Cl -1'
CQT non-polymer ~{N}-(3-morpholin-4-ylpropyl)-4-(2~{H}-1,2,3,4-tetrazol-5-yl)pyridine-2-carboxamide 'C14 H19 N7 O2'
EDO non-polymer 1,2-ETHANEDIOL 'C2 H6 O2'
NI non-polymer 'NICKEL (II) ION' 'Ni 2'
SO4 non-polymer 'SULFATE ION' 'O4 S -2'
ZN non-polymer 'ZINC ION' 'Zn 2'
#
# COMPACT_ATOMS: atom_id res chain seq x y z
N ALA A 11 20.19 9.89 17.53
CA ALA A 11 19.33 9.08 16.67
C ALA A 11 18.79 9.92 15.51
N GLN A 12 18.78 9.33 14.32
CA GLN A 12 18.34 10.07 13.13
CA GLN A 12 18.34 10.03 13.11
C GLN A 12 16.82 10.10 13.05
N ASN A 13 16.29 11.25 12.61
CA ASN A 13 14.86 11.45 12.42
C ASN A 13 14.02 11.11 13.65
N PRO A 14 14.33 11.70 14.80
CA PRO A 14 13.60 11.36 16.03
C PRO A 14 12.11 11.71 16.02
N ASN A 15 11.70 12.75 15.30
CA ASN A 15 10.27 13.08 15.23
C ASN A 15 9.52 12.20 14.24
N CYS A 16 10.20 11.29 13.54
CA CYS A 16 9.55 10.33 12.62
C CYS A 16 8.86 11.03 11.45
N ASN A 17 9.49 12.07 10.90
CA ASN A 17 8.94 12.75 9.74
C ASN A 17 9.14 11.92 8.47
N ILE A 18 8.20 12.07 7.53
CA ILE A 18 8.35 11.45 6.21
C ILE A 18 9.44 12.19 5.45
N MET A 19 10.44 11.45 5.01
CA MET A 19 11.56 12.01 4.27
C MET A 19 11.40 11.80 2.77
N ILE A 20 11.96 12.75 2.01
CA ILE A 20 11.91 12.77 0.55
C ILE A 20 13.34 12.73 0.05
N PHE A 21 13.60 11.85 -0.92
CA PHE A 21 14.94 11.63 -1.46
C PHE A 21 14.99 11.93 -2.95
N HIS A 22 16.13 12.46 -3.39
CA HIS A 22 16.41 12.79 -4.79
C HIS A 22 17.72 12.14 -5.24
N PRO A 23 17.71 10.82 -5.49
CA PRO A 23 18.96 10.17 -5.92
C PRO A 23 19.44 10.67 -7.27
N THR A 24 20.76 10.70 -7.42
CA THR A 24 21.41 10.90 -8.71
C THR A 24 21.33 9.60 -9.52
N LYS A 25 21.66 9.68 -10.82
CA LYS A 25 21.66 8.46 -11.62
C LYS A 25 22.62 7.42 -11.03
N GLU A 26 23.77 7.88 -10.54
CA GLU A 26 24.72 6.97 -9.90
C GLU A 26 24.12 6.29 -8.67
N GLU A 27 23.39 7.04 -7.85
CA GLU A 27 22.79 6.46 -6.64
C GLU A 27 21.60 5.57 -6.94
N PHE A 28 21.04 5.66 -8.15
CA PHE A 28 19.85 4.92 -8.55
C PHE A 28 20.19 3.53 -9.12
N ASN A 29 21.46 3.14 -9.10
CA ASN A 29 21.94 1.93 -9.77
C ASN A 29 21.98 0.70 -8.88
N ASP A 30 21.70 0.81 -7.58
CA ASP A 30 21.76 -0.32 -6.66
C ASP A 30 20.61 -0.14 -5.66
N PHE A 31 19.53 -0.90 -5.88
CA PHE A 31 18.30 -0.71 -5.11
C PHE A 31 18.53 -0.93 -3.62
N ASP A 32 19.06 -2.09 -3.25
CA ASP A 32 19.21 -2.41 -1.83
C ASP A 32 20.17 -1.45 -1.15
N LYS A 33 21.22 -1.01 -1.84
CA LYS A 33 22.15 -0.04 -1.27
C LYS A 33 21.45 1.27 -0.95
N TYR A 34 20.54 1.72 -1.82
CA TYR A 34 19.88 2.99 -1.56
C TYR A 34 18.80 2.88 -0.48
N ILE A 35 18.11 1.75 -0.38
CA ILE A 35 17.22 1.52 0.76
C ILE A 35 18.01 1.65 2.07
N ALA A 36 19.17 1.01 2.11
CA ALA A 36 20.01 1.05 3.31
C ALA A 36 20.48 2.48 3.59
N TYR A 37 20.77 3.26 2.55
CA TYR A 37 21.15 4.66 2.75
C TYR A 37 20.01 5.44 3.38
N MET A 38 18.80 5.30 2.82
N MET A 38 18.80 5.30 2.84
CA MET A 38 17.65 5.98 3.39
CA MET A 38 17.65 6.00 3.41
C MET A 38 17.49 5.64 4.87
C MET A 38 17.47 5.64 4.88
N GLU A 39 17.65 4.35 5.23
CA GLU A 39 17.52 3.94 6.63
C GLU A 39 18.64 4.53 7.49
N SER A 40 19.84 4.70 6.94
CA SER A 40 20.92 5.31 7.70
C SER A 40 20.59 6.75 8.06
N GLN A 41 19.68 7.39 7.32
CA GLN A 41 19.23 8.75 7.60
C GLN A 41 17.95 8.79 8.42
N GLY A 42 17.43 7.62 8.83
CA GLY A 42 16.26 7.56 9.69
C GLY A 42 14.94 7.47 8.97
N ALA A 43 14.94 7.24 7.66
CA ALA A 43 13.70 7.30 6.90
C ALA A 43 12.65 6.31 7.40
N HIS A 44 13.09 5.11 7.80
CA HIS A 44 12.16 4.06 8.19
C HIS A 44 11.35 4.41 9.43
N ARG A 45 11.85 5.34 10.26
CA ARG A 45 11.12 5.70 11.48
C ARG A 45 9.74 6.30 11.19
N ALA A 46 9.57 6.93 10.02
CA ALA A 46 8.26 7.44 9.64
C ALA A 46 7.29 6.36 9.18
N GLY A 47 7.79 5.24 8.67
CA GLY A 47 6.97 4.21 8.08
C GLY A 47 6.84 4.29 6.56
N LEU A 48 7.18 5.43 5.97
CA LEU A 48 6.97 5.72 4.56
C LEU A 48 8.01 6.75 4.12
N ALA A 49 8.52 6.61 2.89
CA ALA A 49 9.39 7.61 2.29
C ALA A 49 9.02 7.79 0.83
N LYS A 50 9.29 8.99 0.31
CA LYS A 50 9.13 9.32 -1.10
C LYS A 50 10.49 9.36 -1.80
N ILE A 51 10.57 8.76 -2.99
CA ILE A 51 11.77 8.82 -3.81
C ILE A 51 11.43 9.43 -5.17
N ILE A 52 12.08 10.53 -5.49
CA ILE A 52 11.93 11.20 -6.78
C ILE A 52 13.07 10.73 -7.69
N PRO A 53 12.79 10.03 -8.79
CA PRO A 53 13.88 9.49 -9.62
CA PRO A 53 13.87 9.49 -9.62
C PRO A 53 14.66 10.59 -10.31
N PRO A 54 15.91 10.31 -10.69
CA PRO A 54 16.67 11.32 -11.44
C PRO A 54 15.95 11.67 -12.72
N LYS A 55 16.17 12.90 -13.19
CA LYS A 55 15.41 13.43 -14.32
C LYS A 55 15.63 12.62 -15.60
N GLU A 56 16.81 12.01 -15.76
CA GLU A 56 17.11 11.23 -16.96
C GLU A 56 16.39 9.89 -17.03
N TRP A 57 15.79 9.43 -15.93
CA TRP A 57 15.18 8.11 -15.89
C TRP A 57 13.72 8.18 -16.34
N LYS A 58 13.26 7.08 -16.97
CA LYS A 58 11.85 6.95 -17.33
C LYS A 58 11.40 5.49 -17.17
N ALA A 59 10.17 5.31 -16.66
CA ALA A 59 9.64 3.96 -16.46
C ALA A 59 9.27 3.30 -17.78
N ARG A 60 8.61 4.02 -18.69
CA ARG A 60 8.37 3.53 -20.03
C ARG A 60 8.22 4.72 -20.96
N GLU A 61 8.49 4.49 -22.25
CA GLU A 61 8.54 5.62 -23.19
C GLU A 61 7.15 6.22 -23.43
N THR A 62 6.12 5.38 -23.52
CA THR A 62 4.79 5.89 -23.77
C THR A 62 3.75 4.97 -23.11
N TYR A 63 2.67 5.59 -22.64
CA TYR A 63 1.52 4.85 -22.11
C TYR A 63 0.39 4.71 -23.14
N ASP A 64 0.70 4.85 -24.42
CA ASP A 64 -0.26 4.52 -25.48
C ASP A 64 -0.74 3.08 -25.34
N ASN A 65 -2.05 2.88 -25.57
CA ASN A 65 -2.68 1.56 -25.65
C ASN A 65 -2.89 0.88 -24.29
N ILE A 66 -2.62 1.58 -23.19
CA ILE A 66 -2.90 1.03 -21.85
C ILE A 66 -4.37 0.61 -21.77
N SER A 67 -5.22 1.17 -22.63
CA SER A 67 -6.65 0.88 -22.55
C SER A 67 -6.98 -0.57 -22.82
N GLU A 68 -6.07 -1.35 -23.40
CA GLU A 68 -6.32 -2.75 -23.73
C GLU A 68 -6.19 -3.71 -22.55
N ILE A 69 -5.57 -3.28 -21.45
CA ILE A 69 -5.49 -4.11 -20.26
C ILE A 69 -6.89 -4.41 -19.75
N LEU A 70 -7.10 -5.62 -19.26
CA LEU A 70 -8.40 -6.04 -18.76
C LEU A 70 -8.40 -6.01 -17.24
N ILE A 71 -9.43 -5.39 -16.66
CA ILE A 71 -9.74 -5.47 -15.24
C ILE A 71 -10.81 -6.55 -15.10
N ALA A 72 -10.39 -7.77 -14.74
CA ALA A 72 -11.29 -8.91 -14.78
C ALA A 72 -12.39 -8.81 -13.73
N THR A 73 -12.09 -8.26 -12.55
CA THR A 73 -13.09 -8.09 -11.50
C THR A 73 -12.95 -6.73 -10.83
N PRO A 74 -13.50 -5.69 -11.44
CA PRO A 74 -13.56 -4.39 -10.76
C PRO A 74 -14.34 -4.50 -9.47
N LEU A 75 -13.96 -3.69 -8.48
CA LEU A 75 -14.57 -3.75 -7.14
C LEU A 75 -15.20 -2.40 -6.79
N GLN A 76 -16.45 -2.44 -6.35
CA GLN A 76 -17.14 -1.25 -5.87
CA GLN A 76 -17.16 -1.26 -5.87
C GLN A 76 -17.01 -1.21 -4.35
N GLN A 77 -16.47 -0.10 -3.83
CA GLN A 77 -16.12 0.01 -2.40
C GLN A 77 -17.26 0.68 -1.63
N VAL A 78 -18.06 -0.14 -0.95
CA VAL A 78 -19.26 0.31 -0.24
C VAL A 78 -18.93 0.50 1.24
N ALA A 79 -19.22 1.69 1.78
CA ALA A 79 -18.90 2.03 3.16
C ALA A 79 -20.06 1.85 4.12
N SER A 80 -19.73 1.57 5.39
N SER A 80 -19.72 1.64 5.37
CA SER A 80 -20.68 1.59 6.51
CA SER A 80 -20.68 1.44 6.45
C SER A 80 -20.07 2.31 7.70
C SER A 80 -20.09 2.07 7.71
N GLY A 81 -20.89 3.07 8.43
N GLY A 81 -20.80 3.02 8.32
CA GLY A 81 -20.46 3.72 9.67
CA GLY A 81 -20.29 3.72 9.47
C GLY A 81 -20.70 5.22 9.72
C GLY A 81 -20.42 5.23 9.31
N ARG A 82 -19.68 5.96 10.14
CA ARG A 82 -19.70 7.42 10.16
C ARG A 82 -18.54 7.96 9.32
N ALA A 83 -18.59 9.26 9.04
CA ALA A 83 -17.72 9.82 8.02
C ALA A 83 -16.25 9.60 8.37
N GLY A 84 -15.90 9.67 9.65
CA GLY A 84 -14.52 9.51 10.08
C GLY A 84 -14.13 8.15 10.61
N VAL A 85 -15.08 7.22 10.71
CA VAL A 85 -14.85 5.88 11.27
C VAL A 85 -15.78 4.92 10.54
N PHE A 86 -15.27 4.21 9.55
CA PHE A 86 -16.12 3.37 8.73
C PHE A 86 -15.35 2.15 8.27
N THR A 87 -16.09 1.13 7.86
CA THR A 87 -15.52 -0.01 7.15
C THR A 87 -16.01 0.01 5.72
N GLN A 88 -15.31 -0.70 4.86
CA GLN A 88 -15.73 -0.81 3.46
C GLN A 88 -15.66 -2.26 3.04
N TYR A 89 -16.65 -2.68 2.25
CA TYR A 89 -16.66 -4.01 1.69
C TYR A 89 -16.65 -3.87 0.17
N HIS A 90 -16.17 -4.91 -0.50
CA HIS A 90 -16.05 -4.85 -1.94
C HIS A 90 -17.16 -5.68 -2.59
N LYS A 91 -17.87 -5.03 -3.50
CA LYS A 91 -18.91 -5.65 -4.29
C LYS A 91 -18.36 -5.85 -5.71
N LYS A 92 -18.42 -7.09 -6.20
CA LYS A 92 -17.81 -7.42 -7.48
C LYS A 92 -18.69 -6.92 -8.63
N LYS A 93 -18.01 -6.41 -9.67
CA LYS A 93 -18.65 -5.87 -10.87
C LYS A 93 -18.20 -6.66 -12.09
N LYS A 94 -18.91 -6.50 -13.21
CA LYS A 94 -18.52 -7.16 -14.44
C LYS A 94 -17.20 -6.60 -14.98
N ALA A 95 -16.48 -7.44 -15.72
CA ALA A 95 -15.17 -7.06 -16.24
C ALA A 95 -15.27 -5.87 -17.18
N MET A 96 -14.22 -5.06 -17.19
N MET A 96 -14.22 -5.03 -17.17
CA MET A 96 -14.13 -3.99 -18.18
CA MET A 96 -14.12 -3.88 -18.06
C MET A 96 -12.67 -3.74 -18.49
C MET A 96 -12.65 -3.68 -18.45
N THR A 97 -12.42 -3.11 -19.64
CA THR A 97 -11.08 -2.74 -20.01
C THR A 97 -10.68 -1.45 -19.30
N VAL A 98 -9.38 -1.17 -19.30
CA VAL A 98 -8.90 0.08 -18.73
C VAL A 98 -9.47 1.26 -19.48
N GLY A 99 -9.68 1.12 -20.80
CA GLY A 99 -10.34 2.17 -21.57
C GLY A 99 -11.72 2.49 -21.05
N GLU A 100 -12.52 1.45 -20.81
CA GLU A 100 -13.86 1.64 -20.27
C GLU A 100 -13.80 2.18 -18.85
N TYR A 101 -12.83 1.73 -18.06
CA TYR A 101 -12.70 2.19 -16.69
C TYR A 101 -12.32 3.67 -16.63
N ARG A 102 -11.37 4.09 -17.46
CA ARG A 102 -10.99 5.50 -17.49
C ARG A 102 -12.17 6.39 -17.88
N HIS A 103 -12.98 5.95 -18.85
CA HIS A 103 -14.15 6.73 -19.24
C HIS A 103 -15.15 6.84 -18.08
N LEU A 104 -15.34 5.76 -17.32
CA LEU A 104 -16.20 5.80 -16.15
C LEU A 104 -15.65 6.74 -15.08
N ALA A 105 -14.35 6.64 -14.81
CA ALA A 105 -13.71 7.53 -13.82
C ALA A 105 -13.95 9.00 -14.15
N ASN A 106 -13.93 9.35 -15.43
CA ASN A 106 -14.04 10.74 -15.86
C ASN A 106 -15.49 11.19 -16.09
N SER A 107 -16.47 10.30 -15.92
CA SER A 107 -17.87 10.67 -16.12
C SER A 107 -18.36 11.52 -14.96
N LYS A 108 -19.51 12.18 -15.16
CA LYS A 108 -20.04 13.11 -14.17
C LYS A 108 -20.21 12.44 -12.81
N LYS A 109 -20.68 11.19 -12.79
CA LYS A 109 -20.92 10.51 -11.52
C LYS A 109 -19.66 10.35 -10.70
N TYR A 110 -18.51 10.09 -11.33
CA TYR A 110 -17.31 9.69 -10.62
C TYR A 110 -16.15 10.68 -10.66
N GLN A 111 -16.24 11.77 -11.43
CA GLN A 111 -15.10 12.64 -11.66
C GLN A 111 -14.76 13.46 -10.41
N THR A 112 -13.48 13.83 -10.32
CA THR A 112 -13.01 14.72 -9.26
C THR A 112 -13.82 16.01 -9.26
N PRO A 113 -14.22 16.51 -8.09
CA PRO A 113 -14.98 17.76 -8.04
C PRO A 113 -14.09 18.98 -8.18
N PRO A 114 -14.65 20.12 -8.56
CA PRO A 114 -13.91 21.38 -8.46
C PRO A 114 -13.39 21.56 -7.05
N HIS A 115 -12.18 22.10 -6.92
CA HIS A 115 -11.56 22.26 -5.62
C HIS A 115 -10.44 23.28 -5.72
N GLN A 116 -10.10 23.90 -4.57
CA GLN A 116 -9.12 24.98 -4.56
C GLN A 116 -7.68 24.47 -4.53
N ASN A 117 -7.40 23.40 -3.78
CA ASN A 117 -6.03 22.92 -3.55
C ASN A 117 -6.12 21.53 -2.93
N PHE A 118 -4.95 20.91 -2.66
CA PHE A 118 -4.94 19.57 -2.05
C PHE A 118 -5.72 19.56 -0.73
N GLU A 119 -5.61 20.63 0.06
CA GLU A 119 -6.23 20.67 1.39
CA GLU A 119 -6.22 20.60 1.39
C GLU A 119 -7.74 20.65 1.29
N ASP A 120 -8.29 21.40 0.33
CA ASP A 120 -9.72 21.42 0.09
C ASP A 120 -10.21 20.05 -0.37
N LEU A 121 -9.44 19.40 -1.24
CA LEU A 121 -9.82 18.08 -1.73
C LEU A 121 -9.79 17.03 -0.62
N GLU A 122 -8.79 17.10 0.26
CA GLU A 122 -8.74 16.18 1.39
C GLU A 122 -9.93 16.38 2.32
N ARG A 123 -10.27 17.65 2.59
CA ARG A 123 -11.45 17.96 3.39
CA ARG A 123 -11.45 17.96 3.39
C ARG A 123 -12.71 17.33 2.77
N LYS A 124 -12.87 17.48 1.46
CA LYS A 124 -14.02 16.90 0.75
C LYS A 124 -14.03 15.37 0.84
N TYR A 125 -12.85 14.74 0.74
CA TYR A 125 -12.79 13.29 0.85
C TYR A 125 -13.35 12.80 2.20
N TRP A 126 -12.83 13.36 3.31
CA TRP A 126 -13.24 12.84 4.61
C TRP A 126 -14.67 13.23 4.95
N LYS A 127 -15.16 14.35 4.40
CA LYS A 127 -16.55 14.74 4.63
C LYS A 127 -17.53 13.83 3.90
N ASN A 128 -17.19 13.43 2.67
CA ASN A 128 -18.18 12.90 1.74
C ASN A 128 -17.93 11.47 1.27
N ARG A 129 -16.79 10.85 1.63
CA ARG A 129 -16.45 9.53 1.07
C ARG A 129 -17.56 8.50 1.29
N ILE A 130 -18.14 8.45 2.50
CA ILE A 130 -19.08 7.35 2.81
C ILE A 130 -20.34 7.39 1.97
N TYR A 131 -20.67 8.54 1.37
CA TYR A 131 -21.90 8.70 0.65
C TYR A 131 -21.80 8.32 -0.82
N ASN A 132 -20.63 7.86 -1.27
CA ASN A 132 -20.44 7.39 -2.63
C ASN A 132 -19.74 6.04 -2.56
N SER A 133 -19.78 5.30 -3.66
CA SER A 133 -19.14 3.98 -3.73
C SER A 133 -18.29 3.92 -4.99
N PRO A 134 -17.04 4.35 -4.93
CA PRO A 134 -16.18 4.31 -6.11
C PRO A 134 -15.77 2.89 -6.49
N ILE A 135 -15.33 2.73 -7.73
CA ILE A 135 -15.00 1.43 -8.31
C ILE A 135 -13.52 1.43 -8.63
N TYR A 136 -12.83 0.30 -8.39
CA TYR A 136 -11.44 0.28 -8.79
C TYR A 136 -10.97 -1.11 -9.15
N GLY A 137 -9.80 -1.14 -9.80
CA GLY A 137 -9.13 -2.36 -10.18
C GLY A 137 -7.94 -2.60 -9.29
N ALA A 138 -7.88 -3.76 -8.65
CA ALA A 138 -6.90 -3.98 -7.60
C ALA A 138 -6.17 -5.28 -7.82
N ASP A 139 -4.89 -5.29 -7.49
CA ASP A 139 -4.09 -6.52 -7.42
C ASP A 139 -4.14 -7.29 -8.74
N ILE A 140 -3.94 -6.57 -9.84
CA ILE A 140 -3.92 -7.16 -11.17
C ILE A 140 -2.48 -7.54 -11.49
N SER A 141 -2.19 -8.84 -11.58
N SER A 141 -2.20 -8.84 -11.56
CA SER A 141 -0.84 -9.28 -11.87
CA SER A 141 -0.86 -9.28 -11.88
C SER A 141 -0.38 -8.72 -13.21
C SER A 141 -0.40 -8.68 -13.21
N GLY A 142 0.76 -8.03 -13.20
CA GLY A 142 1.27 -7.42 -14.41
C GLY A 142 2.26 -6.31 -14.09
N SER A 143 2.83 -5.76 -15.17
CA SER A 143 3.80 -4.68 -15.07
C SER A 143 3.68 -3.76 -16.26
N LEU A 144 3.94 -2.47 -16.02
CA LEU A 144 4.00 -1.47 -17.08
C LEU A 144 5.40 -0.91 -17.29
N PHE A 145 6.41 -1.41 -16.60
CA PHE A 145 7.78 -0.97 -16.90
C PHE A 145 8.23 -1.56 -18.23
N ASP A 146 8.95 -0.75 -19.01
CA ASP A 146 9.58 -1.26 -20.24
C ASP A 146 10.63 -2.31 -19.88
N GLU A 147 10.75 -3.34 -20.73
CA GLU A 147 11.81 -4.33 -20.49
C GLU A 147 13.18 -3.68 -20.41
N ASN A 148 13.40 -2.59 -21.15
CA ASN A 148 14.72 -1.97 -21.20
C ASN A 148 14.95 -0.96 -20.08
N THR A 149 14.00 -0.78 -19.17
CA THR A 149 14.24 0.01 -17.96
C THR A 149 14.98 -0.85 -16.95
N LYS A 150 16.22 -0.49 -16.66
CA LYS A 150 17.12 -1.31 -15.87
C LYS A 150 17.18 -0.93 -14.39
N GLN A 151 16.91 0.33 -14.04
CA GLN A 151 16.96 0.78 -12.65
C GLN A 151 15.54 0.86 -12.11
N TRP A 152 15.33 0.27 -10.92
CA TRP A 152 14.07 0.41 -10.18
C TRP A 152 12.88 -0.09 -11.00
N ASN A 153 13.10 -1.19 -11.75
CA ASN A 153 12.04 -1.86 -12.49
C ASN A 153 11.40 -2.86 -11.54
N LEU A 154 10.15 -2.60 -11.16
CA LEU A 154 9.52 -3.42 -10.13
C LEU A 154 9.30 -4.87 -10.56
N GLY A 155 9.44 -5.18 -11.84
CA GLY A 155 9.35 -6.56 -12.30
C GLY A 155 10.68 -7.29 -12.33
N HIS A 156 11.77 -6.64 -11.94
CA HIS A 156 13.09 -7.25 -11.94
C HIS A 156 13.85 -6.90 -10.66
N LEU A 157 13.17 -6.95 -9.52
CA LEU A 157 13.85 -6.80 -8.24
C LEU A 157 14.19 -8.18 -7.69
N GLY A 158 15.13 -8.22 -6.75
CA GLY A 158 15.41 -9.48 -6.08
C GLY A 158 14.20 -9.95 -5.31
N THR A 159 13.95 -11.26 -5.34
CA THR A 159 12.74 -11.81 -4.77
C THR A 159 12.87 -11.97 -3.25
N ILE A 160 11.71 -12.00 -2.59
CA ILE A 160 11.71 -12.26 -1.13
CA ILE A 160 11.71 -12.25 -1.15
C ILE A 160 12.21 -13.66 -0.85
N GLN A 161 11.92 -14.62 -1.73
CA GLN A 161 12.43 -15.97 -1.51
C GLN A 161 13.95 -16.00 -1.55
N ASP A 162 14.57 -15.26 -2.48
CA ASP A 162 16.02 -15.29 -2.55
C ASP A 162 16.64 -14.61 -1.34
N LEU A 163 15.97 -13.57 -0.80
CA LEU A 163 16.44 -12.95 0.44
C LEU A 163 16.38 -13.94 1.60
N LEU A 164 15.24 -14.60 1.78
CA LEU A 164 15.10 -15.57 2.86
C LEU A 164 16.12 -16.70 2.73
N GLU A 165 16.35 -17.18 1.50
CA GLU A 165 17.36 -18.23 1.32
C GLU A 165 18.76 -17.73 1.65
N LYS A 166 19.08 -16.49 1.30
CA LYS A 166 20.40 -15.94 1.57
C LYS A 166 20.62 -15.74 3.06
N GLU A 167 19.60 -15.25 3.78
CA GLU A 167 19.78 -14.90 5.19
C GLU A 167 19.70 -16.12 6.10
N CYS A 168 18.81 -17.06 5.80
CA CYS A 168 18.55 -18.17 6.70
C CYS A 168 19.09 -19.50 6.18
N GLY A 169 19.55 -19.56 4.94
CA GLY A 169 20.08 -20.78 4.37
C GLY A 169 19.05 -21.81 4.02
N VAL A 170 17.81 -21.39 3.78
CA VAL A 170 16.70 -22.30 3.51
C VAL A 170 16.40 -22.27 2.03
N VAL A 171 15.69 -23.28 1.56
CA VAL A 171 15.28 -23.40 0.17
C VAL A 171 13.76 -23.54 0.16
N ILE A 172 13.06 -22.61 -0.49
CA ILE A 172 11.60 -22.59 -0.46
C ILE A 172 11.01 -22.34 -1.85
N GLU A 173 9.78 -22.84 -2.02
CA GLU A 173 8.95 -22.55 -3.19
C GLU A 173 8.44 -21.11 -3.14
N GLY A 174 7.87 -20.67 -4.27
CA GLY A 174 7.20 -19.39 -4.35
C GLY A 174 7.86 -18.39 -5.26
N VAL A 175 7.04 -17.48 -5.80
CA VAL A 175 7.46 -16.38 -6.66
C VAL A 175 6.92 -15.07 -6.08
N ASN A 176 7.46 -13.98 -6.59
CA ASN A 176 7.22 -12.62 -6.10
C ASN A 176 7.10 -11.75 -7.36
N THR A 177 5.87 -11.40 -7.77
CA THR A 177 5.64 -10.61 -8.98
C THR A 177 4.84 -9.33 -8.70
N PRO A 178 4.97 -8.33 -9.57
CA PRO A 178 4.27 -7.05 -9.33
C PRO A 178 2.79 -7.08 -9.71
N TYR A 179 2.06 -6.08 -9.19
CA TYR A 179 0.62 -5.94 -9.40
CA TYR A 179 0.65 -5.95 -9.49
C TYR A 179 0.30 -4.49 -9.80
N LEU A 180 -0.77 -4.34 -10.58
CA LEU A 180 -1.26 -3.04 -11.04
C LEU A 180 -2.55 -2.68 -10.30
N TYR A 181 -2.76 -1.37 -10.15
CA TYR A 181 -3.97 -0.79 -9.57
C TYR A 181 -4.48 0.32 -10.47
N PHE A 182 -5.79 0.34 -10.70
CA PHE A 182 -6.43 1.42 -11.43
C PHE A 182 -7.45 2.05 -10.51
N GLY A 183 -7.36 3.38 -10.32
CA GLY A 183 -8.14 4.07 -9.32
C GLY A 183 -8.88 5.25 -9.90
N MET A 184 -9.79 5.80 -9.09
CA MET A 184 -10.59 6.98 -9.44
C MET A 184 -10.76 7.81 -8.17
N TRP A 185 -11.39 8.98 -8.32
CA TRP A 185 -11.68 9.82 -7.17
C TRP A 185 -12.38 9.02 -6.07
N LYS A 186 -11.85 9.12 -4.86
CA LYS A 186 -12.35 8.51 -3.62
C LYS A 186 -11.99 7.02 -3.47
N THR A 187 -11.40 6.35 -4.46
CA THR A 187 -10.89 5.00 -4.25
CA THR A 187 -10.96 4.99 -4.20
C THR A 187 -9.97 5.00 -3.04
N THR A 188 -10.15 4.01 -2.15
CA THR A 188 -9.61 4.07 -0.81
C THR A 188 -8.81 2.81 -0.50
N PHE A 189 -7.64 2.97 0.12
CA PHE A 189 -6.94 1.84 0.74
C PHE A 189 -6.99 1.95 2.26
N ALA A 190 -7.46 0.87 2.89
CA ALA A 190 -7.71 0.83 4.30
C ALA A 190 -6.42 0.72 5.10
N TRP A 191 -6.52 0.99 6.41
CA TRP A 191 -5.35 0.93 7.30
C TRP A 191 -4.80 -0.50 7.35
N HIS A 192 -3.50 -0.65 7.05
CA HIS A 192 -2.87 -1.98 7.09
C HIS A 192 -1.35 -1.85 7.13
N THR A 193 -0.70 -2.93 7.57
CA THR A 193 0.70 -3.20 7.21
C THR A 193 0.71 -4.29 6.15
N GLU A 194 1.88 -4.53 5.57
CA GLU A 194 1.99 -5.55 4.52
C GLU A 194 1.96 -6.95 5.13
N ASP A 195 1.66 -7.94 4.28
CA ASP A 195 1.77 -9.34 4.69
C ASP A 195 3.16 -9.60 5.27
N MET A 196 3.19 -10.30 6.41
CA MET A 196 4.44 -10.65 7.10
C MET A 196 5.24 -9.43 7.49
N ASP A 197 4.57 -8.26 7.53
CA ASP A 197 5.21 -6.96 7.80
C ASP A 197 6.40 -6.68 6.86
N LEU A 198 6.24 -7.08 5.60
CA LEU A 198 7.23 -6.81 4.56
C LEU A 198 7.27 -5.31 4.20
N TYR A 199 8.32 -4.93 3.47
CA TYR A 199 8.33 -3.63 2.81
C TYR A 199 7.42 -3.69 1.58
N SER A 200 7.02 -2.52 1.10
CA SER A 200 6.41 -2.42 -0.23
C SER A 200 6.97 -1.20 -0.95
N ILE A 201 6.92 -1.26 -2.27
CA ILE A 201 7.28 -0.14 -3.11
C ILE A 201 6.16 0.06 -4.14
N ASN A 202 5.81 1.34 -4.36
CA ASN A 202 4.65 1.75 -5.17
CA ASN A 202 4.67 1.74 -5.16
C ASN A 202 5.11 2.84 -6.12
N TYR A 203 4.90 2.63 -7.42
CA TYR A 203 5.21 3.63 -8.45
C TYR A 203 3.91 4.10 -9.09
N LEU A 204 3.70 5.41 -9.11
CA LEU A 204 2.52 6.00 -9.74
C LEU A 204 2.85 6.29 -11.21
N HIS A 205 2.32 5.43 -12.10
CA HIS A 205 2.71 5.48 -13.51
C HIS A 205 2.12 6.70 -14.22
N LEU A 206 0.85 7.01 -13.94
CA LEU A 206 0.04 7.87 -14.80
C LEU A 206 -1.14 8.41 -14.01
N GLY A 207 -1.52 9.66 -14.28
CA GLY A 207 -2.79 10.18 -13.81
C GLY A 207 -2.68 11.06 -12.57
N GLU A 208 -3.78 11.11 -11.82
CA GLU A 208 -3.92 12.05 -10.70
C GLU A 208 -3.26 11.51 -9.44
N PRO A 209 -3.06 12.35 -8.43
CA PRO A 209 -2.25 11.95 -7.26
C PRO A 209 -2.94 10.95 -6.35
N LYS A 210 -2.13 10.46 -5.40
CA LYS A 210 -2.58 9.58 -4.32
C LYS A 210 -2.09 10.17 -3.01
N THR A 211 -3.00 10.37 -2.05
CA THR A 211 -2.65 10.84 -0.71
C THR A 211 -2.48 9.66 0.24
N TRP A 212 -1.40 9.69 1.02
CA TRP A 212 -1.05 8.63 1.95
C TRP A 212 -1.06 9.17 3.38
N TYR A 213 -1.48 8.31 4.32
CA TYR A 213 -1.34 8.52 5.76
C TYR A 213 -0.53 7.36 6.35
N VAL A 214 0.31 7.65 7.35
CA VAL A 214 1.22 6.63 7.89
C VAL A 214 1.44 6.86 9.38
N VAL A 215 1.51 5.75 10.11
CA VAL A 215 1.85 5.74 11.53
C VAL A 215 3.26 5.20 11.70
N PRO A 216 4.13 5.84 12.49
CA PRO A 216 5.50 5.33 12.69
C PRO A 216 5.49 3.90 13.22
N PRO A 217 6.36 3.03 12.72
CA PRO A 217 6.41 1.65 13.24
C PRO A 217 6.52 1.55 14.75
N GLU A 218 7.28 2.44 15.38
CA GLU A 218 7.44 2.37 16.83
C GLU A 218 6.14 2.63 17.58
N HIS A 219 5.08 3.11 16.91
CA HIS A 219 3.80 3.38 17.56
C HIS A 219 2.64 2.60 16.92
N GLY A 220 2.92 1.54 16.18
CA GLY A 220 1.86 0.82 15.50
C GLY A 220 0.83 0.22 16.45
N GLN A 221 1.28 -0.23 17.63
CA GLN A 221 0.34 -0.84 18.56
C GLN A 221 -0.70 0.16 19.06
N ARG A 222 -0.38 1.46 19.09
CA ARG A 222 -1.40 2.44 19.48
C ARG A 222 -2.55 2.46 18.48
N LEU A 223 -2.23 2.37 17.19
CA LEU A 223 -3.29 2.33 16.19
C LEU A 223 -4.13 1.07 16.35
N GLU A 224 -3.47 -0.07 16.60
CA GLU A 224 -4.21 -1.32 16.82
C GLU A 224 -5.16 -1.20 18.00
N ARG A 225 -4.72 -0.58 19.10
CA ARG A 225 -5.60 -0.46 20.26
CA ARG A 225 -5.57 -0.42 20.28
C ARG A 225 -6.79 0.43 19.95
N LEU A 226 -6.58 1.51 19.21
CA LEU A 226 -7.70 2.38 18.85
C LEU A 226 -8.68 1.67 17.92
N ALA A 227 -8.16 0.91 16.94
CA ALA A 227 -9.04 0.19 16.03
C ALA A 227 -9.91 -0.82 16.76
N ARG A 228 -9.37 -1.49 17.78
CA ARG A 228 -10.20 -2.40 18.59
C ARG A 228 -11.33 -1.64 19.27
N GLU A 229 -11.04 -0.44 19.77
CA GLU A 229 -12.06 0.35 20.46
C GLU A 229 -13.13 0.84 19.48
N LEU A 230 -12.74 1.19 18.26
CA LEU A 230 -13.66 1.80 17.30
C LEU A 230 -14.45 0.79 16.47
N PHE A 231 -13.95 -0.43 16.33
CA PHE A 231 -14.62 -1.48 15.56
C PHE A 231 -14.77 -2.72 16.44
N PRO A 232 -15.60 -2.63 17.49
CA PRO A 232 -15.62 -3.72 18.47
C PRO A 232 -16.11 -5.05 17.92
N GLY A 233 -17.15 -5.07 17.08
CA GLY A 233 -17.59 -6.32 16.48
C GLY A 233 -16.50 -6.99 15.66
N SER A 234 -15.88 -6.22 14.75
CA SER A 234 -14.81 -6.76 13.90
C SER A 234 -13.65 -7.30 14.74
N SER A 235 -13.18 -6.49 15.68
CA SER A 235 -12.11 -6.91 16.57
C SER A 235 -12.39 -8.24 17.25
N ARG A 236 -13.66 -8.50 17.61
CA ARG A 236 -13.95 -9.69 18.40
C ARG A 236 -13.70 -10.97 17.62
N GLY A 237 -13.92 -10.96 16.30
CA GLY A 237 -13.68 -12.15 15.50
C GLY A 237 -12.22 -12.50 15.36
N CYS A 238 -11.34 -11.50 15.40
CA CYS A 238 -9.96 -11.69 14.96
C CYS A 238 -9.06 -10.65 15.60
N GLY A 239 -8.08 -11.10 16.38
CA GLY A 239 -7.11 -10.18 16.95
C GLY A 239 -6.44 -9.31 15.91
N ALA A 240 -6.09 -9.88 14.75
CA ALA A 240 -5.44 -9.17 13.67
C ALA A 240 -6.42 -8.67 12.59
N PHE A 241 -7.60 -8.12 12.96
CA PHE A 241 -8.57 -7.79 11.90
C PHE A 241 -8.12 -6.66 10.98
N LEU A 242 -7.13 -5.84 11.38
CA LEU A 242 -6.64 -4.84 10.43
C LEU A 242 -6.09 -5.50 9.16
N ARG A 243 -5.62 -6.74 9.27
CA ARG A 243 -5.18 -7.48 8.09
C ARG A 243 -6.32 -7.80 7.14
N HIS A 244 -7.58 -7.69 7.59
CA HIS A 244 -8.70 -7.80 6.69
C HIS A 244 -8.74 -6.65 5.68
N LYS A 245 -8.08 -5.52 5.98
CA LYS A 245 -8.02 -4.36 5.09
C LYS A 245 -9.41 -3.80 4.78
N VAL A 246 -10.14 -3.46 5.85
CA VAL A 246 -11.51 -2.99 5.75
C VAL A 246 -11.75 -1.68 6.50
N ALA A 247 -10.84 -1.29 7.40
CA ALA A 247 -11.13 -0.22 8.36
C ALA A 247 -10.48 1.11 8.00
N LEU A 248 -11.28 2.18 8.08
CA LEU A 248 -10.80 3.55 7.89
C LEU A 248 -11.05 4.40 9.13
N ILE A 249 -10.05 5.20 9.47
CA ILE A 249 -10.09 6.17 10.55
C ILE A 249 -9.48 7.46 10.03
N SER A 250 -10.18 8.59 10.19
CA SER A 250 -9.75 9.85 9.59
C SER A 250 -8.62 10.53 10.38
N PRO A 251 -7.91 11.47 9.75
CA PRO A 251 -6.90 12.23 10.51
C PRO A 251 -7.46 12.96 11.70
N THR A 252 -8.69 13.50 11.61
CA THR A 252 -9.30 14.18 12.75
C THR A 252 -9.49 13.23 13.92
N VAL A 253 -9.95 12.01 13.67
CA VAL A 253 -10.15 11.05 14.76
C VAL A 253 -8.82 10.58 15.32
N LEU A 254 -7.82 10.36 14.46
CA LEU A 254 -6.49 10.01 14.96
C LEU A 254 -5.96 11.09 15.90
N LYS A 255 -6.08 12.36 15.49
CA LYS A 255 -5.60 13.45 16.34
C LYS A 255 -6.36 13.52 17.64
N GLU A 256 -7.68 13.33 17.60
CA GLU A 256 -8.48 13.38 18.83
C GLU A 256 -7.99 12.36 19.84
N ASN A 257 -7.48 11.24 19.35
CA ASN A 257 -7.09 10.11 20.18
C ASN A 257 -5.58 10.01 20.37
N GLY A 258 -4.84 11.03 19.97
CA GLY A 258 -3.42 11.08 20.26
C GLY A 258 -2.55 10.14 19.46
N ILE A 259 -3.02 9.64 18.33
CA ILE A 259 -2.26 8.69 17.52
C ILE A 259 -1.26 9.45 16.66
N PRO A 260 0.04 9.20 16.77
CA PRO A 260 0.99 9.90 15.91
CA PRO A 260 1.01 9.90 15.91
C PRO A 260 0.90 9.42 14.46
N PHE A 261 0.87 10.37 13.54
CA PHE A 261 0.81 10.03 12.12
C PHE A 261 1.32 11.20 11.29
N ASN A 262 1.56 10.92 10.00
CA ASN A 262 1.92 11.93 9.02
C ASN A 262 1.17 11.68 7.72
N ARG A 263 1.11 12.70 6.86
CA ARG A 263 0.48 12.58 5.55
CA ARG A 263 0.49 12.56 5.54
C ARG A 263 1.39 13.17 4.48
N ILE A 264 1.30 12.63 3.26
CA ILE A 264 2.05 13.12 2.12
C ILE A 264 1.29 12.70 0.87
N THR A 265 1.42 13.50 -0.20
CA THR A 265 0.79 13.19 -1.48
C THR A 265 1.84 12.79 -2.51
N GLN A 266 1.57 11.70 -3.24
CA GLN A 266 2.41 11.16 -4.29
C GLN A 266 1.85 11.59 -5.64
N GLU A 267 2.74 12.06 -6.53
CA GLU A 267 2.37 12.46 -7.88
CA GLU A 267 2.35 12.45 -7.88
C GLU A 267 2.94 11.48 -8.90
N ALA A 268 2.39 11.53 -10.12
CA ALA A 268 2.87 10.65 -11.17
C ALA A 268 4.37 10.82 -11.35
N GLY A 269 5.06 9.68 -11.54
CA GLY A 269 6.50 9.70 -11.71
C GLY A 269 7.29 9.52 -10.43
N GLU A 270 6.63 9.32 -9.29
CA GLU A 270 7.26 9.21 -7.97
C GLU A 270 7.04 7.83 -7.35
N PHE A 271 8.07 7.34 -6.64
CA PHE A 271 7.99 6.13 -5.85
C PHE A 271 7.69 6.44 -4.39
N MET A 272 6.92 5.56 -3.74
CA MET A 272 6.77 5.54 -2.29
C MET A 272 7.21 4.17 -1.79
N VAL A 273 8.01 4.15 -0.71
CA VAL A 273 8.39 2.91 -0.04
C VAL A 273 7.73 2.90 1.34
N THR A 274 7.05 1.80 1.65
CA THR A 274 6.60 1.55 3.02
C THR A 274 7.55 0.58 3.70
N PHE A 275 7.81 0.82 4.98
CA PHE A 275 8.79 0.07 5.75
C PHE A 275 8.11 -0.94 6.68
N PRO A 276 8.81 -1.98 7.12
CA PRO A 276 8.19 -3.03 7.94
C PRO A 276 7.42 -2.46 9.14
N TYR A 277 6.16 -2.92 9.28
CA TYR A 277 5.26 -2.57 10.37
C TYR A 277 4.84 -1.09 10.36
N GLY A 278 4.96 -0.42 9.20
CA GLY A 278 4.42 0.92 9.03
C GLY A 278 2.99 0.89 8.52
N TYR A 279 2.03 1.16 9.41
CA TYR A 279 0.62 1.17 9.01
C TYR A 279 0.35 2.33 8.07
N HIS A 280 -0.40 2.08 6.99
CA HIS A 280 -0.71 3.11 6.03
C HIS A 280 -2.13 2.95 5.48
N ALA A 281 -2.65 4.07 4.96
CA ALA A 281 -3.99 4.17 4.35
C ALA A 281 -3.95 5.38 3.41
N GLY A 282 -4.96 5.50 2.55
CA GLY A 282 -4.97 6.66 1.67
C GLY A 282 -6.07 6.59 0.63
N PHE A 283 -5.99 7.51 -0.33
CA PHE A 283 -7.06 7.64 -1.33
C PHE A 283 -6.52 8.30 -2.60
N ASN A 284 -7.22 8.05 -3.72
CA ASN A 284 -6.84 8.61 -5.01
C ASN A 284 -7.66 9.86 -5.33
N HIS A 285 -7.01 10.81 -6.02
CA HIS A 285 -7.61 12.10 -6.35
C HIS A 285 -8.45 12.05 -7.62
N GLY A 286 -8.24 11.05 -8.46
CA GLY A 286 -8.88 10.96 -9.76
C GLY A 286 -8.29 9.76 -10.49
N PHE A 287 -8.61 9.63 -11.78
CA PHE A 287 -8.11 8.45 -12.52
C PHE A 287 -6.59 8.35 -12.43
N ASN A 288 -6.09 7.16 -12.07
CA ASN A 288 -4.65 6.92 -12.09
C ASN A 288 -4.35 5.43 -12.22
N CYS A 289 -3.07 5.13 -12.42
CA CYS A 289 -2.55 3.77 -12.54
C CYS A 289 -1.25 3.67 -11.76
N ALA A 290 -1.17 2.70 -10.87
CA ALA A 290 0.02 2.48 -10.06
C ALA A 290 0.44 1.02 -10.15
N GLU A 291 1.70 0.76 -9.79
CA GLU A 291 2.28 -0.58 -9.75
C GLU A 291 2.98 -0.75 -8.41
N ALA A 292 2.85 -1.93 -7.81
CA ALA A 292 3.46 -2.17 -6.50
C ALA A 292 3.94 -3.61 -6.39
N ILE A 293 4.90 -3.82 -5.49
CA ILE A 293 5.39 -5.16 -5.15
C ILE A 293 5.95 -5.12 -3.73
N ASN A 294 5.86 -6.25 -3.03
CA ASN A 294 6.55 -6.37 -1.75
C ASN A 294 8.01 -6.76 -1.97
N PHE A 295 8.86 -6.37 -1.01
CA PHE A 295 10.27 -6.76 -1.03
C PHE A 295 10.78 -6.89 0.40
N ALA A 296 11.97 -7.49 0.53
CA ALA A 296 12.61 -7.73 1.81
C ALA A 296 14.07 -7.32 1.77
N THR A 297 14.61 -7.02 2.95
CA THR A 297 16.03 -6.81 3.19
C THR A 297 16.43 -7.59 4.42
N PRO A 298 17.73 -7.63 4.75
CA PRO A 298 18.12 -8.33 5.99
C PRO A 298 17.41 -7.79 7.23
N ARG A 299 17.16 -6.48 7.31
CA ARG A 299 16.50 -5.90 8.48
C ARG A 299 15.06 -6.40 8.65
N TRP A 300 14.42 -6.85 7.56
CA TRP A 300 13.05 -7.32 7.65
C TRP A 300 12.92 -8.63 8.44
N ILE A 301 13.96 -9.47 8.47
CA ILE A 301 13.80 -10.83 8.98
C ILE A 301 13.20 -10.82 10.38
N ASP A 302 13.71 -9.96 11.27
CA ASP A 302 13.21 -9.96 12.64
C ASP A 302 11.76 -9.48 12.74
N TYR A 303 11.31 -8.64 11.80
CA TYR A 303 9.89 -8.26 11.74
C TYR A 303 9.05 -9.42 11.24
N GLY A 304 9.53 -10.14 10.22
CA GLY A 304 8.81 -11.31 9.73
C GLY A 304 8.58 -12.35 10.81
N LYS A 305 9.58 -12.56 11.67
CA LYS A 305 9.47 -13.53 12.76
C LYS A 305 8.40 -13.17 13.77
N MET A 306 8.10 -11.89 13.94
CA MET A 306 7.19 -11.42 14.98
C MET A 306 5.84 -10.96 14.45
N ALA A 307 5.63 -10.98 13.13
CA ALA A 307 4.41 -10.44 12.55
C ALA A 307 3.17 -11.19 13.03
N SER A 308 2.11 -10.44 13.34
CA SER A 308 0.84 -11.06 13.67
C SER A 308 0.24 -11.72 12.43
N GLN A 309 -0.65 -12.68 12.65
CA GLN A 309 -1.33 -13.36 11.57
C GLN A 309 -2.83 -13.36 11.81
N CYS A 310 -3.60 -13.19 10.74
CA CYS A 310 -5.03 -13.48 10.78
C CYS A 310 -5.22 -14.98 10.56
N SER A 311 -5.89 -15.64 11.50
CA SER A 311 -6.22 -17.06 11.36
C SER A 311 -7.73 -17.30 11.36
N CYS A 312 -8.54 -16.26 11.21
CA CYS A 312 -9.99 -16.38 11.32
C CYS A 312 -10.68 -16.75 10.01
N GLY A 313 -9.95 -16.78 8.89
CA GLY A 313 -10.57 -17.06 7.60
C GLY A 313 -10.55 -15.90 6.62
N GLU A 314 -10.71 -14.67 7.12
CA GLU A 314 -11.03 -13.54 6.25
C GLU A 314 -9.84 -13.14 5.38
N ALA A 315 -8.65 -13.06 5.97
CA ALA A 315 -7.47 -12.58 5.25
C ALA A 315 -6.86 -13.76 4.50
N ARG A 316 -7.51 -14.12 3.40
CA ARG A 316 -6.97 -15.12 2.48
C ARG A 316 -5.80 -14.51 1.72
N VAL A 317 -4.63 -15.16 1.78
CA VAL A 317 -3.39 -14.57 1.25
C VAL A 317 -2.92 -15.28 -0.01
N THR A 318 -1.71 -14.93 -0.44
CA THR A 318 -1.04 -15.56 -1.57
C THR A 318 -0.40 -16.87 -1.13
N PHE A 319 -0.19 -17.78 -2.09
CA PHE A 319 0.47 -19.04 -1.76
C PHE A 319 1.94 -18.82 -1.45
N SER A 320 2.50 -17.67 -1.84
CA SER A 320 3.87 -17.34 -1.46
C SER A 320 4.03 -17.25 0.06
N MET A 321 2.97 -16.85 0.77
CA MET A 321 3.12 -16.58 2.19
C MET A 321 3.23 -17.86 3.03
N ASP A 322 2.79 -19.00 2.49
CA ASP A 322 2.86 -20.25 3.25
C ASP A 322 4.28 -20.53 3.74
N ALA A 323 5.26 -20.46 2.85
CA ALA A 323 6.63 -20.79 3.24
C ALA A 323 7.18 -19.79 4.24
N PHE A 324 6.76 -18.53 4.17
CA PHE A 324 7.24 -17.53 5.13
CA PHE A 324 7.28 -17.57 5.13
C PHE A 324 6.79 -17.88 6.54
N VAL A 325 5.51 -18.26 6.69
CA VAL A 325 5.02 -18.66 8.01
C VAL A 325 5.67 -19.96 8.44
N ARG A 326 5.81 -20.90 7.50
CA ARG A 326 6.34 -22.23 7.82
C ARG A 326 7.76 -22.15 8.37
N ILE A 327 8.60 -21.29 7.78
CA ILE A 327 10.01 -21.18 8.19
C ILE A 327 10.16 -20.25 9.39
N LEU A 328 9.56 -19.06 9.34
CA LEU A 328 9.83 -18.04 10.34
C LEU A 328 8.96 -18.18 11.59
N GLN A 329 7.80 -18.83 11.48
N GLN A 329 7.78 -18.80 11.49
CA GLN A 329 6.83 -18.89 12.57
CA GLN A 329 6.85 -18.90 12.60
C GLN A 329 6.29 -20.32 12.69
C GLN A 329 6.30 -20.31 12.72
N PRO A 330 7.18 -21.30 12.89
CA PRO A 330 6.70 -22.69 12.98
C PRO A 330 5.64 -22.94 14.03
N GLU A 331 5.69 -22.27 15.19
CA GLU A 331 4.67 -22.52 16.22
C GLU A 331 3.28 -22.09 15.77
N ARG A 332 3.20 -21.08 14.90
CA ARG A 332 1.92 -20.55 14.44
C ARG A 332 1.40 -21.22 13.18
N TYR A 333 2.20 -22.07 12.54
CA TYR A 333 1.91 -22.47 11.16
C TYR A 333 0.63 -23.28 11.07
N ASP A 334 0.45 -24.29 11.93
CA ASP A 334 -0.71 -25.17 11.81
C ASP A 334 -2.02 -24.40 11.99
N LEU A 335 -2.12 -23.56 13.02
CA LEU A 335 -3.32 -22.73 13.21
C LEU A 335 -3.53 -21.80 12.01
N TRP A 336 -2.46 -21.13 11.56
CA TRP A 336 -2.61 -20.26 10.40
C TRP A 336 -3.12 -21.05 9.20
N LYS A 337 -2.55 -22.24 8.94
CA LYS A 337 -2.99 -23.09 7.84
C LYS A 337 -4.47 -23.44 7.94
N ARG A 338 -4.96 -23.75 9.15
CA ARG A 338 -6.38 -24.06 9.31
C ARG A 338 -7.24 -22.90 8.82
N GLY A 339 -6.80 -21.66 9.04
CA GLY A 339 -7.54 -20.49 8.58
C GLY A 339 -7.48 -20.23 7.08
N GLN A 340 -6.54 -20.84 6.37
CA GLN A 340 -6.41 -20.60 4.93
C GLN A 340 -7.43 -21.42 4.13
ZN ZN B . -8.96 -12.39 10.68
CL CL C . -17.15 15.42 -3.18
C1 EDO D . -25.66 0.35 -7.99
O1 EDO D . -24.87 1.41 -7.47
C2 EDO D . -25.36 -0.95 -7.23
O2 EDO D . -25.81 -0.82 -5.88
C1 EDO E . -4.45 21.46 -6.54
O1 EDO E . -3.12 21.13 -6.90
C2 EDO E . -5.25 20.22 -6.21
O2 EDO E . -5.35 19.33 -7.32
C1 EDO F . 1.80 17.01 0.84
O1 EDO F . 2.56 16.27 -0.14
C2 EDO F . 0.31 17.09 0.50
O2 EDO F . -0.41 16.15 1.32
C1 EDO G . 20.09 15.66 21.07
O1 EDO G . 19.76 16.96 21.60
C2 EDO G . 18.82 14.84 20.92
O2 EDO G . 19.12 13.46 21.13
C1 EDO H . 18.09 -1.96 -9.45
O1 EDO H . 18.25 -0.59 -9.83
C2 EDO H . 19.44 -2.33 -8.86
O2 EDO H . 19.39 -3.47 -8.00
S SO4 I . -11.99 9.15 -21.73
O1 SO4 I . -12.27 10.09 -22.81
O2 SO4 I . -12.55 9.67 -20.48
O3 SO4 I . -12.62 7.87 -22.03
O4 SO4 I . -10.55 8.99 -21.60
S SO4 J . -5.13 4.78 -24.94
O1 SO4 J . -4.73 5.76 -23.93
O2 SO4 J . -6.45 5.15 -25.46
O3 SO4 J . -5.23 3.47 -24.30
O4 SO4 J . -4.13 4.75 -26.00
S SO4 K . -18.30 20.44 0.19
O1 SO4 K . -19.28 21.20 -0.59
O2 SO4 K . -18.38 20.82 1.60
O3 SO4 K . -18.59 19.02 0.05
O4 SO4 K . -16.96 20.72 -0.31
NI NI L . 0.15 -1.48 1.49
CAA CQT M . -1.18 -8.64 -4.00
CAC CQT M . -2.10 -10.30 -2.57
CAD CQT M . -1.31 -9.71 -1.39
CAE CQT M . -0.39 -8.04 -2.88
CAG CQT M . -2.68 -4.94 -0.41
CAM CQT M . -3.26 1.00 -3.10
CAN CQT M . -1.73 -1.33 -0.67
CAP CQT M . -2.53 -0.87 -1.73
CAQ CQT M . -0.93 0.84 -0.36
CAR CQT M . -2.50 0.49 -2.11
CAS CQT M . -1.66 1.34 -1.40
CAT CQT M . -1.65 -2.70 -0.29
CAV CQT M . -1.84 -5.82 -1.40
CAW CQT M . -2.18 -7.35 -1.32
NAF CQT M . -1.01 -8.24 -1.57
NAI CQT M . -3.90 2.14 -4.74
NAJ CQT M . -4.91 1.43 -4.32
NAK CQT M . -2.84 1.92 -3.95
NAL CQT M . -4.51 0.72 -3.31
NAO CQT M . -0.99 -0.45 0.00
NAU CQT M . -2.64 -3.51 -0.72
OAB CQT M . -1.41 -10.02 -3.81
OAH CQT M . -0.67 -3.10 0.32
#